data_7Q7I
#
_entry.id   7Q7I
#
_cell.length_a   93.538
_cell.length_b   101.593
_cell.length_c   68.391
_cell.angle_alpha   90.000
_cell.angle_beta   90.000
_cell.angle_gamma   90.000
#
_symmetry.space_group_name_H-M   'C 2 2 21'
#
loop_
_entity.id
_entity.type
_entity.pdbx_description
1 polymer 'Tyrosine-protein kinase JAK2'
2 non-polymer 4-[8-methoxy-2-[(1-methylpyrazol-4-yl)amino]quinazolin-6-yl]phenol
3 water water
#
_entity_poly.entity_id   1
_entity_poly.type   'polypeptide(L)'
_entity_poly.pdbx_seq_one_letter_code
;MHHHHHHDYKDDDDKENLYFQGRDPTQFEERHLKFLQQLGKGNFGSVEMCRYDPLQDNTGEVVAVKKLQHSTEEHLRDFE
REIEILKSLQHDNIVKYKGVCYSAGRRNLKLIMEYLPYGSLRDYLQKHKERIDHIKLLQYTSQICKGMEYLGTKRYIHRD
LATRNILVENENRVKIGDFGLTKVLPQDKE(PTR)(PTR)KVKEPGESPIFWYAPESLTESKFSVASDVWSFGVVLYELF
TYIEKSKSPPAEFMRMIGNDKQGQSIVTHLIELLKNNGRLPRPDGCPDEIYMIMTECWNNNVNQRPSFRDLALRVDQIRD
NMAG
;
_entity_poly.pdbx_strand_id   A
#
loop_
_chem_comp.id
_chem_comp.type
_chem_comp.name
_chem_comp.formula
9I8 non-polymer 4-[8-methoxy-2-[(1-methylpyrazol-4-yl)amino]quinazolin-6-yl]phenol 'C19 H17 N5 O2'
#
# COMPACT_ATOMS: atom_id res chain seq x y z
N ASP A 24 14.35 13.04 -22.90
CA ASP A 24 14.88 11.88 -23.62
C ASP A 24 14.75 10.55 -22.82
N PRO A 25 15.38 10.35 -21.61
CA PRO A 25 15.27 9.04 -20.94
C PRO A 25 13.92 8.71 -20.29
N THR A 26 13.14 9.71 -19.84
CA THR A 26 11.81 9.50 -19.23
C THR A 26 10.72 9.33 -20.32
N GLN A 27 11.14 9.42 -21.60
CA GLN A 27 10.29 9.27 -22.78
C GLN A 27 10.57 7.88 -23.38
N PHE A 28 9.57 6.98 -23.26
CA PHE A 28 9.65 5.59 -23.68
C PHE A 28 8.72 5.26 -24.86
N GLU A 29 9.31 4.83 -25.98
CA GLU A 29 8.56 4.45 -27.17
C GLU A 29 7.92 3.08 -26.95
N GLU A 30 6.59 3.03 -27.09
CA GLU A 30 5.75 1.85 -26.88
C GLU A 30 6.18 0.64 -27.71
N ARG A 31 6.59 0.85 -28.98
CA ARG A 31 7.00 -0.23 -29.88
C ARG A 31 8.23 -1.01 -29.38
N HIS A 32 9.10 -0.35 -28.59
CA HIS A 32 10.33 -0.95 -28.04
C HIS A 32 10.12 -1.76 -26.73
N LEU A 33 8.94 -1.64 -26.09
CA LEU A 33 8.66 -2.36 -24.86
C LEU A 33 8.27 -3.82 -25.18
N LYS A 34 9.09 -4.78 -24.74
CA LYS A 34 8.81 -6.20 -24.98
C LYS A 34 8.18 -6.81 -23.74
N PHE A 35 6.98 -7.41 -23.88
CA PHE A 35 6.29 -8.06 -22.77
C PHE A 35 7.09 -9.26 -22.30
N LEU A 36 7.35 -9.34 -20.98
CA LEU A 36 8.08 -10.45 -20.39
C LEU A 36 7.17 -11.32 -19.54
N GLN A 37 6.46 -10.73 -18.54
CA GLN A 37 5.50 -11.43 -17.68
C GLN A 37 4.51 -10.49 -17.00
N GLN A 38 3.39 -11.07 -16.50
CA GLN A 38 2.37 -10.35 -15.76
C GLN A 38 2.81 -10.27 -14.29
N LEU A 39 2.75 -9.08 -13.68
CA LEU A 39 3.20 -8.87 -12.29
C LEU A 39 2.08 -8.70 -11.27
N GLY A 40 0.96 -8.14 -11.72
CA GLY A 40 -0.18 -7.89 -10.86
C GLY A 40 -1.36 -7.34 -11.63
N LYS A 41 -2.56 -7.71 -11.17
CA LYS A 41 -3.81 -7.24 -11.75
C LYS A 41 -4.52 -6.46 -10.66
N GLY A 42 -4.97 -5.27 -11.02
CA GLY A 42 -5.64 -4.38 -10.08
C GLY A 42 -7.11 -4.21 -10.33
N ASN A 43 -7.64 -3.11 -9.78
CA ASN A 43 -9.05 -2.72 -9.85
C ASN A 43 -9.39 -2.24 -11.27
N PHE A 44 -8.54 -1.36 -11.80
CA PHE A 44 -8.66 -0.65 -13.07
C PHE A 44 -7.59 -0.98 -14.12
N GLY A 45 -6.45 -1.50 -13.67
CA GLY A 45 -5.35 -1.83 -14.56
C GLY A 45 -4.51 -3.04 -14.20
N SER A 46 -3.28 -3.08 -14.72
CA SER A 46 -2.34 -4.19 -14.55
C SER A 46 -0.89 -3.71 -14.65
N VAL A 47 0.03 -4.49 -14.04
CA VAL A 47 1.47 -4.23 -14.05
C VAL A 47 2.18 -5.38 -14.76
N GLU A 48 3.05 -5.05 -15.73
CA GLU A 48 3.81 -6.06 -16.47
C GLU A 48 5.28 -5.78 -16.35
N MET A 49 6.08 -6.85 -16.37
CA MET A 49 7.51 -6.75 -16.41
C MET A 49 7.81 -6.68 -17.92
N CYS A 50 8.53 -5.64 -18.34
CA CYS A 50 8.88 -5.43 -19.74
C CYS A 50 10.35 -5.18 -19.90
N ARG A 51 10.87 -5.41 -21.11
CA ARG A 51 12.23 -5.05 -21.44
C ARG A 51 12.16 -3.88 -22.41
N TYR A 52 12.70 -2.71 -22.02
CA TYR A 52 12.75 -1.58 -22.94
C TYR A 52 13.97 -1.80 -23.81
N ASP A 53 13.73 -2.38 -25.00
CA ASP A 53 14.80 -2.80 -25.89
C ASP A 53 14.78 -2.09 -27.27
N PRO A 54 15.24 -0.80 -27.36
CA PRO A 54 15.26 -0.11 -28.67
C PRO A 54 16.39 -0.55 -29.63
N LEU A 55 17.06 -1.67 -29.30
CA LEU A 55 18.13 -2.25 -30.11
C LEU A 55 17.74 -3.62 -30.66
N GLN A 56 16.67 -4.22 -30.10
CA GLN A 56 16.11 -5.53 -30.48
C GLN A 56 17.17 -6.65 -30.40
N ASP A 57 17.97 -6.62 -29.31
CA ASP A 57 19.06 -7.58 -29.05
C ASP A 57 18.96 -8.18 -27.64
N ASN A 58 17.85 -7.88 -26.94
CA ASN A 58 17.50 -8.34 -25.60
C ASN A 58 18.48 -7.84 -24.51
N THR A 59 19.23 -6.74 -24.78
CA THR A 59 20.16 -6.15 -23.80
C THR A 59 19.56 -4.92 -23.09
N GLY A 60 18.30 -4.60 -23.37
CA GLY A 60 17.62 -3.45 -22.80
C GLY A 60 17.26 -3.61 -21.35
N GLU A 61 16.92 -2.49 -20.70
CA GLU A 61 16.53 -2.43 -19.29
C GLU A 61 15.18 -3.09 -19.00
N VAL A 62 15.12 -3.83 -17.89
CA VAL A 62 13.89 -4.44 -17.42
C VAL A 62 13.21 -3.38 -16.54
N VAL A 63 11.91 -3.13 -16.80
CA VAL A 63 11.12 -2.15 -16.07
C VAL A 63 9.77 -2.73 -15.69
N ALA A 64 9.08 -2.05 -14.77
CA ALA A 64 7.72 -2.40 -14.41
C ALA A 64 6.83 -1.40 -15.16
N VAL A 65 5.79 -1.91 -15.82
CA VAL A 65 4.91 -1.07 -16.63
C VAL A 65 3.49 -1.17 -16.10
N LYS A 66 2.91 -0.04 -15.69
CA LYS A 66 1.49 -0.08 -15.30
C LYS A 66 0.64 0.48 -16.44
N LYS A 67 -0.44 -0.23 -16.78
CA LYS A 67 -1.37 0.21 -17.83
C LYS A 67 -2.80 -0.05 -17.37
N LEU A 68 -3.76 0.63 -17.98
CA LEU A 68 -5.18 0.50 -17.66
C LEU A 68 -5.84 -0.60 -18.49
N GLN A 69 -6.61 -1.46 -17.82
CA GLN A 69 -7.36 -2.54 -18.49
C GLN A 69 -8.60 -1.94 -19.16
N HIS A 70 -9.24 -0.94 -18.50
CA HIS A 70 -10.40 -0.18 -18.98
C HIS A 70 -10.00 1.29 -18.96
N SER A 71 -9.50 1.76 -20.08
CA SER A 71 -9.00 3.12 -20.16
C SER A 71 -10.08 4.12 -20.59
N THR A 72 -11.09 4.31 -19.69
CA THR A 72 -12.18 5.27 -19.87
C THR A 72 -11.62 6.68 -19.62
N GLU A 73 -12.41 7.73 -19.93
CA GLU A 73 -12.04 9.14 -19.72
C GLU A 73 -11.69 9.40 -18.23
N GLU A 74 -12.58 8.98 -17.31
CA GLU A 74 -12.43 9.13 -15.87
C GLU A 74 -11.21 8.38 -15.36
N HIS A 75 -11.01 7.12 -15.80
CA HIS A 75 -9.87 6.31 -15.38
C HIS A 75 -8.54 6.88 -15.86
N LEU A 76 -8.49 7.39 -17.09
CA LEU A 76 -7.30 8.02 -17.64
C LEU A 76 -6.94 9.29 -16.82
N ARG A 77 -7.94 10.06 -16.42
CA ARG A 77 -7.76 11.26 -15.61
C ARG A 77 -7.22 10.88 -14.20
N ASP A 78 -7.79 9.84 -13.58
CA ASP A 78 -7.27 9.42 -12.27
C ASP A 78 -5.88 8.84 -12.40
N PHE A 79 -5.60 8.11 -13.50
CA PHE A 79 -4.29 7.49 -13.76
C PHE A 79 -3.23 8.57 -13.98
N GLU A 80 -3.58 9.63 -14.72
CA GLU A 80 -2.62 10.72 -14.92
C GLU A 80 -2.27 11.37 -13.57
N ARG A 81 -3.26 11.46 -12.65
CA ARG A 81 -3.00 11.98 -11.30
C ARG A 81 -2.05 11.07 -10.52
N GLU A 82 -2.22 9.75 -10.64
CA GLU A 82 -1.35 8.77 -9.95
C GLU A 82 0.09 8.94 -10.48
N ILE A 83 0.21 9.13 -11.81
CA ILE A 83 1.52 9.30 -12.45
C ILE A 83 2.24 10.55 -11.88
N GLU A 84 1.51 11.69 -11.75
CA GLU A 84 2.07 12.94 -11.22
C GLU A 84 2.46 12.75 -9.72
N ILE A 85 1.62 12.03 -8.94
CA ILE A 85 1.91 11.71 -7.54
C ILE A 85 3.24 10.93 -7.46
N LEU A 86 3.37 9.85 -8.21
CA LEU A 86 4.59 9.05 -8.16
C LEU A 86 5.84 9.84 -8.59
N LYS A 87 5.73 10.60 -9.69
CA LYS A 87 6.82 11.41 -10.21
C LYS A 87 7.33 12.46 -9.16
N SER A 88 6.44 12.92 -8.26
CA SER A 88 6.78 13.96 -7.27
C SER A 88 7.45 13.37 -6.03
N LEU A 89 7.47 12.04 -5.91
CA LEU A 89 8.04 11.39 -4.73
C LEU A 89 9.43 10.87 -5.02
N GLN A 90 10.37 11.21 -4.12
CA GLN A 90 11.75 10.76 -4.24
C GLN A 90 12.17 10.36 -2.83
N HIS A 91 12.10 9.05 -2.53
CA HIS A 91 12.45 8.52 -1.18
C HIS A 91 12.93 7.11 -1.37
N ASP A 92 13.88 6.64 -0.53
CA ASP A 92 14.44 5.27 -0.63
C ASP A 92 13.40 4.16 -0.48
N ASN A 93 12.28 4.46 0.18
CA ASN A 93 11.24 3.46 0.43
C ASN A 93 9.93 3.73 -0.34
N ILE A 94 10.04 4.35 -1.54
CA ILE A 94 8.91 4.63 -2.45
C ILE A 94 9.39 4.20 -3.79
N VAL A 95 8.61 3.34 -4.48
CA VAL A 95 8.97 2.85 -5.84
C VAL A 95 9.39 4.02 -6.73
N LYS A 96 10.47 3.85 -7.52
CA LYS A 96 10.93 4.92 -8.38
C LYS A 96 10.15 5.03 -9.71
N TYR A 97 9.65 6.24 -10.02
CA TYR A 97 9.06 6.59 -11.29
C TYR A 97 10.22 6.64 -12.32
N LYS A 98 10.00 6.10 -13.50
CA LYS A 98 11.00 6.18 -14.57
C LYS A 98 10.52 7.03 -15.73
N GLY A 99 9.24 6.96 -16.04
CA GLY A 99 8.72 7.71 -17.17
C GLY A 99 7.34 7.29 -17.57
N VAL A 100 6.90 7.82 -18.73
CA VAL A 100 5.58 7.58 -19.28
CA VAL A 100 5.57 7.57 -19.25
C VAL A 100 5.61 7.27 -20.76
N CYS A 101 4.69 6.43 -21.23
CA CYS A 101 4.50 6.09 -22.66
C CYS A 101 3.22 6.75 -23.05
N TYR A 102 3.17 7.35 -24.22
CA TYR A 102 1.96 7.96 -24.77
C TYR A 102 1.56 7.24 -26.07
N SER A 103 0.26 6.86 -26.22
CA SER A 103 -0.21 6.25 -27.47
C SER A 103 -0.80 7.38 -28.33
N ALA A 104 -0.73 7.24 -29.67
CA ALA A 104 -1.30 8.19 -30.63
C ALA A 104 -2.83 8.15 -30.59
N GLY A 105 -3.46 9.30 -30.86
CA GLY A 105 -4.93 9.39 -30.86
C GLY A 105 -5.54 9.62 -29.49
N ARG A 106 -6.27 8.61 -28.97
CA ARG A 106 -6.98 8.65 -27.67
C ARG A 106 -6.07 8.87 -26.43
N ARG A 107 -4.74 8.95 -26.63
CA ARG A 107 -3.76 9.22 -25.59
C ARG A 107 -3.82 8.27 -24.38
N ASN A 108 -3.67 6.95 -24.64
CA ASN A 108 -3.60 5.95 -23.57
C ASN A 108 -2.24 6.14 -22.91
N LEU A 109 -2.14 5.84 -21.62
CA LEU A 109 -0.91 6.08 -20.88
C LEU A 109 -0.34 4.81 -20.31
N LYS A 110 0.98 4.71 -20.27
CA LYS A 110 1.67 3.63 -19.56
C LYS A 110 2.65 4.26 -18.61
N LEU A 111 2.61 3.84 -17.35
CA LEU A 111 3.51 4.33 -16.33
C LEU A 111 4.71 3.38 -16.22
N ILE A 112 5.92 3.92 -16.44
CA ILE A 112 7.14 3.13 -16.40
C ILE A 112 7.81 3.34 -15.05
N MET A 113 8.12 2.25 -14.37
CA MET A 113 8.75 2.28 -13.04
C MET A 113 9.92 1.34 -12.94
N GLU A 114 10.70 1.45 -11.85
CA GLU A 114 11.74 0.45 -11.61
C GLU A 114 11.06 -0.92 -11.31
N TYR A 115 11.73 -1.99 -11.71
CA TYR A 115 11.25 -3.34 -11.44
C TYR A 115 11.96 -3.83 -10.16
N LEU A 116 11.18 -4.15 -9.12
CA LEU A 116 11.70 -4.67 -7.83
C LEU A 116 11.53 -6.18 -7.91
N PRO A 117 12.66 -6.90 -8.01
CA PRO A 117 12.58 -8.33 -8.38
C PRO A 117 12.01 -9.33 -7.40
N TYR A 118 11.93 -8.98 -6.11
CA TYR A 118 11.46 -9.93 -5.11
C TYR A 118 9.93 -9.92 -4.93
N GLY A 119 9.22 -9.10 -5.70
CA GLY A 119 7.75 -9.08 -5.66
C GLY A 119 7.18 -8.41 -4.43
N SER A 120 5.90 -8.66 -4.15
CA SER A 120 5.26 -8.00 -3.02
C SER A 120 5.74 -8.60 -1.69
N LEU A 121 5.72 -7.76 -0.67
CA LEU A 121 6.08 -8.15 0.69
C LEU A 121 5.13 -9.26 1.18
N ARG A 122 3.83 -9.17 0.81
CA ARG A 122 2.85 -10.19 1.17
C ARG A 122 3.35 -11.59 0.66
N ASP A 123 3.64 -11.70 -0.66
CA ASP A 123 4.09 -12.96 -1.25
C ASP A 123 5.45 -13.41 -0.70
N TYR A 124 6.39 -12.45 -0.52
CA TYR A 124 7.73 -12.69 0.00
C TYR A 124 7.66 -13.29 1.42
N LEU A 125 6.84 -12.69 2.29
CA LEU A 125 6.69 -13.14 3.66
C LEU A 125 5.91 -14.48 3.75
N GLN A 126 4.90 -14.67 2.88
CA GLN A 126 4.10 -15.91 2.79
C GLN A 126 5.03 -17.06 2.35
N LYS A 127 6.02 -16.77 1.48
CA LYS A 127 6.99 -17.74 0.98
C LYS A 127 8.00 -18.14 2.06
N HIS A 128 8.71 -17.17 2.67
CA HIS A 128 9.76 -17.49 3.65
C HIS A 128 9.27 -17.65 5.11
N LYS A 129 8.06 -17.18 5.44
CA LYS A 129 7.48 -17.33 6.78
C LYS A 129 8.47 -16.95 7.89
N GLU A 130 8.51 -17.74 8.99
CA GLU A 130 9.33 -17.47 10.19
C GLU A 130 10.85 -17.42 9.94
N ARG A 131 11.31 -17.71 8.69
CA ARG A 131 12.72 -17.63 8.27
C ARG A 131 13.18 -16.15 8.22
N ILE A 132 12.21 -15.24 8.27
CA ILE A 132 12.38 -13.80 8.38
C ILE A 132 12.14 -13.56 9.88
N ASP A 133 13.18 -13.20 10.63
CA ASP A 133 12.98 -13.03 12.06
C ASP A 133 12.37 -11.65 12.42
N HIS A 134 12.06 -11.45 13.72
CA HIS A 134 11.45 -10.21 14.23
C HIS A 134 12.28 -8.98 13.92
N ILE A 135 13.62 -9.08 14.03
CA ILE A 135 14.57 -7.99 13.75
C ILE A 135 14.37 -7.52 12.28
N LYS A 136 14.26 -8.49 11.35
CA LYS A 136 14.01 -8.21 9.93
C LYS A 136 12.63 -7.61 9.69
N LEU A 137 11.58 -8.19 10.30
CA LEU A 137 10.22 -7.61 10.15
C LEU A 137 10.19 -6.15 10.64
N LEU A 138 10.97 -5.84 11.68
CA LEU A 138 11.09 -4.48 12.23
C LEU A 138 11.86 -3.53 11.32
N GLN A 139 12.90 -4.02 10.63
CA GLN A 139 13.60 -3.24 9.63
C GLN A 139 12.62 -2.84 8.51
N TYR A 140 11.72 -3.76 8.08
CA TYR A 140 10.71 -3.47 7.03
C TYR A 140 9.69 -2.52 7.59
N THR A 141 9.32 -2.68 8.87
CA THR A 141 8.31 -1.81 9.53
C THR A 141 8.80 -0.36 9.52
N SER A 142 10.04 -0.15 9.96
CA SER A 142 10.73 1.15 10.00
C SER A 142 10.73 1.77 8.60
N GLN A 143 11.12 1.01 7.55
CA GLN A 143 11.14 1.47 6.17
C GLN A 143 9.75 1.91 5.67
N ILE A 144 8.71 1.15 6.02
CA ILE A 144 7.33 1.52 5.67
C ILE A 144 6.93 2.82 6.39
N CYS A 145 7.22 2.97 7.71
CA CYS A 145 6.92 4.21 8.46
C CYS A 145 7.60 5.43 7.82
N LYS A 146 8.87 5.28 7.38
CA LYS A 146 9.63 6.39 6.80
C LYS A 146 9.05 6.81 5.43
N GLY A 147 8.67 5.82 4.63
CA GLY A 147 8.02 6.05 3.33
C GLY A 147 6.71 6.80 3.53
N MET A 148 5.93 6.36 4.53
CA MET A 148 4.62 6.96 4.88
C MET A 148 4.79 8.36 5.47
N GLU A 149 5.79 8.55 6.32
CA GLU A 149 6.09 9.85 6.92
C GLU A 149 6.45 10.87 5.81
N TYR A 150 7.26 10.44 4.85
CA TYR A 150 7.64 11.28 3.73
C TYR A 150 6.40 11.64 2.88
N LEU A 151 5.54 10.64 2.57
CA LEU A 151 4.28 10.84 1.83
C LEU A 151 3.44 11.93 2.48
N GLY A 152 3.34 11.90 3.81
CA GLY A 152 2.57 12.84 4.61
C GLY A 152 3.05 14.28 4.51
N THR A 153 4.38 14.47 4.32
CA THR A 153 4.98 15.81 4.13
C THR A 153 4.46 16.47 2.82
N LYS A 154 4.08 15.66 1.82
CA LYS A 154 3.52 16.16 0.55
C LYS A 154 1.99 16.28 0.61
N ARG A 155 1.40 15.96 1.77
CA ARG A 155 -0.05 16.01 1.99
C ARG A 155 -0.80 15.00 1.11
N TYR A 156 -0.16 13.83 0.89
CA TYR A 156 -0.80 12.73 0.16
C TYR A 156 -1.29 11.70 1.18
N ILE A 157 -2.42 11.11 0.87
CA ILE A 157 -3.09 10.06 1.66
C ILE A 157 -3.11 8.80 0.81
N HIS A 158 -2.34 7.79 1.23
CA HIS A 158 -2.21 6.56 0.46
C HIS A 158 -3.54 5.83 0.25
N ARG A 159 -4.32 5.64 1.32
CA ARG A 159 -5.62 4.95 1.37
C ARG A 159 -5.58 3.46 1.15
N ASP A 160 -4.44 2.90 0.65
CA ASP A 160 -4.41 1.46 0.36
C ASP A 160 -3.13 0.80 0.92
N LEU A 161 -2.74 1.19 2.15
CA LEU A 161 -1.51 0.60 2.71
C LEU A 161 -1.83 -0.83 3.18
N ALA A 162 -1.15 -1.81 2.61
CA ALA A 162 -1.33 -3.26 2.89
C ALA A 162 -0.04 -3.93 2.40
N THR A 163 0.30 -5.14 2.92
CA THR A 163 1.54 -5.83 2.47
C THR A 163 1.50 -6.17 0.98
N ARG A 164 0.30 -6.31 0.40
CA ARG A 164 0.19 -6.57 -1.04
C ARG A 164 0.65 -5.38 -1.91
N ASN A 165 0.69 -4.17 -1.32
CA ASN A 165 1.07 -2.93 -2.00
C ASN A 165 2.49 -2.44 -1.65
N ILE A 166 3.23 -3.27 -0.93
CA ILE A 166 4.64 -2.99 -0.57
C ILE A 166 5.48 -3.97 -1.38
N LEU A 167 6.55 -3.48 -1.99
CA LEU A 167 7.42 -4.32 -2.82
C LEU A 167 8.76 -4.52 -2.18
N VAL A 168 9.40 -5.62 -2.51
CA VAL A 168 10.70 -5.99 -1.95
C VAL A 168 11.78 -5.78 -3.01
N GLU A 169 12.70 -4.86 -2.75
CA GLU A 169 13.83 -4.60 -3.66
C GLU A 169 14.87 -5.72 -3.47
N ASN A 170 15.18 -6.05 -2.21
CA ASN A 170 16.12 -7.11 -1.83
C ASN A 170 15.85 -7.42 -0.36
N GLU A 171 16.56 -8.40 0.24
CA GLU A 171 16.32 -8.76 1.64
C GLU A 171 16.44 -7.60 2.64
N ASN A 172 17.13 -6.51 2.27
CA ASN A 172 17.32 -5.37 3.17
C ASN A 172 16.47 -4.13 2.87
N ARG A 173 15.61 -4.15 1.83
CA ARG A 173 14.87 -2.94 1.49
C ARG A 173 13.50 -3.20 0.88
N VAL A 174 12.49 -2.52 1.44
CA VAL A 174 11.13 -2.58 0.90
C VAL A 174 10.73 -1.18 0.48
N LYS A 175 9.76 -1.07 -0.44
CA LYS A 175 9.29 0.21 -0.94
C LYS A 175 7.79 0.18 -1.08
N ILE A 176 7.14 1.32 -0.82
CA ILE A 176 5.71 1.47 -0.99
C ILE A 176 5.40 1.60 -2.49
N GLY A 177 4.42 0.83 -2.93
CA GLY A 177 3.90 0.90 -4.28
C GLY A 177 2.41 1.20 -4.30
N ASP A 178 1.82 1.05 -5.49
CA ASP A 178 0.42 1.21 -5.82
C ASP A 178 -0.27 2.41 -5.22
N PHE A 179 0.03 3.56 -5.82
CA PHE A 179 -0.56 4.85 -5.45
C PHE A 179 -1.92 5.07 -6.15
N GLY A 180 -2.55 4.00 -6.64
CA GLY A 180 -3.80 4.05 -7.38
C GLY A 180 -4.98 4.66 -6.64
N LEU A 181 -4.98 4.58 -5.29
CA LEU A 181 -6.10 5.15 -4.49
C LEU A 181 -5.68 6.45 -3.84
N THR A 182 -4.41 6.88 -4.03
CA THR A 182 -3.84 8.05 -3.33
C THR A 182 -4.60 9.36 -3.63
N LYS A 183 -4.84 10.12 -2.56
CA LYS A 183 -5.53 11.41 -2.66
C LYS A 183 -4.66 12.54 -2.13
N VAL A 184 -4.87 13.75 -2.66
CA VAL A 184 -4.14 14.94 -2.19
C VAL A 184 -5.12 15.69 -1.29
N LEU A 185 -4.70 15.99 -0.05
CA LEU A 185 -5.54 16.75 0.86
C LEU A 185 -5.84 18.14 0.27
N PRO A 186 -7.07 18.68 0.43
CA PRO A 186 -7.32 20.07 0.00
C PRO A 186 -6.44 21.00 0.84
N GLN A 187 -6.18 22.22 0.34
CA GLN A 187 -5.33 23.18 1.05
C GLN A 187 -5.80 23.51 2.48
N ASP A 188 -7.12 23.56 2.69
CA ASP A 188 -7.75 23.99 3.94
C ASP A 188 -8.31 22.89 4.84
N LYS A 189 -8.05 21.60 4.55
CA LYS A 189 -8.59 20.52 5.36
C LYS A 189 -7.53 19.45 5.66
N GLU A 190 -7.70 18.71 6.76
CA GLU A 190 -6.76 17.63 7.12
C GLU A 190 -7.33 16.25 6.76
N PTR A 191 -8.47 16.22 6.04
CA PTR A 191 -9.04 14.97 5.53
C PTR A 191 -9.53 15.15 4.06
O PTR A 191 -9.73 16.28 3.61
CB PTR A 191 -10.20 14.45 6.43
CG PTR A 191 -11.38 15.37 6.46
CD1 PTR A 191 -11.46 16.40 7.39
CD2 PTR A 191 -12.38 15.28 5.49
CE1 PTR A 191 -12.51 17.30 7.38
CE2 PTR A 191 -13.43 16.19 5.46
CZ PTR A 191 -13.50 17.19 6.41
OH PTR A 191 -14.56 18.12 6.38
P PTR A 191 -15.71 18.10 7.46
O1P PTR A 191 -16.23 16.63 7.56
O2P PTR A 191 -15.08 18.62 8.79
O3P PTR A 191 -16.75 19.11 6.95
N PTR A 192 -9.71 14.05 3.35
CA PTR A 192 -10.23 14.02 1.99
C PTR A 192 -11.46 13.12 2.04
O PTR A 192 -11.35 11.95 2.47
CB PTR A 192 -9.21 13.40 0.98
CG PTR A 192 -9.67 13.57 -0.45
CD1 PTR A 192 -9.28 14.67 -1.18
CD2 PTR A 192 -10.60 12.69 -1.00
CE1 PTR A 192 -9.78 14.89 -2.46
CE2 PTR A 192 -11.11 12.90 -2.26
CZ PTR A 192 -10.68 13.98 -3.01
OH PTR A 192 -11.29 14.26 -4.24
P PTR A 192 -10.76 13.89 -5.67
O1P PTR A 192 -11.44 12.57 -6.02
O2P PTR A 192 -9.23 13.82 -5.66
O3P PTR A 192 -11.31 14.97 -6.54
N LYS A 193 -12.62 13.63 1.61
CA LYS A 193 -13.84 12.86 1.62
C LYS A 193 -14.10 12.29 0.22
N VAL A 194 -14.23 10.94 0.10
CA VAL A 194 -14.49 10.26 -1.18
C VAL A 194 -16.00 10.12 -1.35
N LYS A 195 -16.57 10.86 -2.33
CA LYS A 195 -18.04 10.93 -2.51
C LYS A 195 -18.66 9.64 -3.07
N GLU A 196 -18.03 9.02 -4.08
CA GLU A 196 -18.56 7.79 -4.66
C GLU A 196 -17.46 6.73 -4.69
N PRO A 197 -17.28 5.98 -3.58
CA PRO A 197 -16.18 5.00 -3.55
C PRO A 197 -16.32 3.87 -4.54
N GLY A 198 -15.17 3.46 -5.08
CA GLY A 198 -15.03 2.30 -5.96
C GLY A 198 -14.67 1.14 -5.07
N GLU A 199 -13.93 0.14 -5.57
CA GLU A 199 -13.52 -1.01 -4.75
C GLU A 199 -12.64 -0.51 -3.59
N SER A 200 -13.03 -0.83 -2.36
CA SER A 200 -12.39 -0.33 -1.14
C SER A 200 -11.88 -1.44 -0.25
N PRO A 201 -10.63 -1.34 0.26
CA PRO A 201 -10.12 -2.43 1.14
C PRO A 201 -10.60 -2.23 2.59
N ILE A 202 -11.89 -2.46 2.81
CA ILE A 202 -12.60 -2.21 4.07
C ILE A 202 -11.95 -2.83 5.32
N PHE A 203 -11.29 -4.00 5.18
CA PHE A 203 -10.69 -4.64 6.36
C PHE A 203 -9.38 -3.96 6.85
N TRP A 204 -8.95 -2.92 6.13
CA TRP A 204 -7.77 -2.08 6.46
C TRP A 204 -8.22 -0.65 6.80
N TYR A 205 -9.54 -0.38 6.72
CA TYR A 205 -10.09 0.97 6.90
C TYR A 205 -10.34 1.37 8.34
N ALA A 206 -10.07 2.65 8.62
CA ALA A 206 -10.35 3.29 9.89
C ALA A 206 -11.88 3.44 10.00
N PRO A 207 -12.43 3.45 11.24
CA PRO A 207 -13.90 3.58 11.38
C PRO A 207 -14.48 4.78 10.65
N GLU A 208 -13.80 5.95 10.69
CA GLU A 208 -14.34 7.17 10.05
C GLU A 208 -14.29 7.04 8.51
N SER A 209 -13.39 6.20 8.01
CA SER A 209 -13.32 5.92 6.59
C SER A 209 -14.54 5.08 6.21
N LEU A 210 -14.94 4.10 7.08
CA LEU A 210 -16.13 3.27 6.80
C LEU A 210 -17.42 4.06 6.94
N THR A 211 -17.52 4.91 7.95
CA THR A 211 -18.78 5.61 8.22
C THR A 211 -19.00 6.84 7.37
N GLU A 212 -17.94 7.67 7.19
CA GLU A 212 -18.02 8.97 6.55
C GLU A 212 -17.17 9.10 5.31
N SER A 213 -16.42 8.06 4.93
CA SER A 213 -15.52 8.07 3.76
C SER A 213 -14.47 9.20 3.88
N LYS A 214 -13.99 9.45 5.10
CA LYS A 214 -12.96 10.46 5.40
C LYS A 214 -11.61 9.80 5.52
N PHE A 215 -10.63 10.29 4.75
CA PHE A 215 -9.28 9.74 4.73
C PHE A 215 -8.30 10.82 5.12
N SER A 216 -7.29 10.46 5.93
CA SER A 216 -6.37 11.44 6.45
C SER A 216 -5.07 10.69 6.77
N VAL A 217 -4.06 11.43 7.22
CA VAL A 217 -2.81 10.81 7.68
C VAL A 217 -3.17 9.80 8.79
N ALA A 218 -4.12 10.16 9.68
CA ALA A 218 -4.54 9.31 10.76
C ALA A 218 -5.20 8.01 10.27
N SER A 219 -5.91 8.03 9.12
CA SER A 219 -6.52 6.78 8.67
C SER A 219 -5.45 5.90 8.01
N ASP A 220 -4.39 6.52 7.48
CA ASP A 220 -3.27 5.76 6.91
C ASP A 220 -2.49 5.11 8.11
N VAL A 221 -2.41 5.81 9.26
CA VAL A 221 -1.79 5.25 10.51
C VAL A 221 -2.61 3.97 10.96
N TRP A 222 -3.94 4.05 10.97
CA TRP A 222 -4.80 2.88 11.24
C TRP A 222 -4.39 1.72 10.30
N SER A 223 -4.32 2.00 8.97
CA SER A 223 -3.91 0.98 7.98
C SER A 223 -2.56 0.41 8.29
N PHE A 224 -1.62 1.29 8.66
CA PHE A 224 -0.28 0.87 9.04
C PHE A 224 -0.33 -0.17 10.20
N GLY A 225 -1.22 0.03 11.15
CA GLY A 225 -1.38 -0.93 12.23
C GLY A 225 -1.83 -2.29 11.69
N VAL A 226 -2.67 -2.30 10.65
CA VAL A 226 -3.12 -3.56 10.04
C VAL A 226 -1.91 -4.22 9.31
N VAL A 227 -1.04 -3.41 8.66
CA VAL A 227 0.19 -3.91 7.99
C VAL A 227 1.11 -4.56 9.02
N LEU A 228 1.30 -3.92 10.19
CA LEU A 228 2.08 -4.47 11.30
C LEU A 228 1.49 -5.83 11.74
N TYR A 229 0.16 -5.88 11.88
CA TYR A 229 -0.55 -7.14 12.17
C TYR A 229 -0.20 -8.18 11.06
N GLU A 230 -0.34 -7.81 9.75
CA GLU A 230 -0.06 -8.72 8.65
C GLU A 230 1.33 -9.30 8.77
N LEU A 231 2.33 -8.43 8.97
CA LEU A 231 3.74 -8.87 9.07
C LEU A 231 3.94 -9.92 10.17
N PHE A 232 3.39 -9.66 11.38
CA PHE A 232 3.57 -10.52 12.53
C PHE A 232 2.67 -11.80 12.51
N THR A 233 1.74 -11.93 11.55
CA THR A 233 0.98 -13.18 11.37
C THR A 233 1.69 -14.05 10.34
N TYR A 234 2.72 -13.46 9.67
CA TYR A 234 3.51 -14.09 8.60
C TYR A 234 2.59 -14.50 7.43
N ILE A 235 1.50 -13.74 7.22
CA ILE A 235 0.50 -13.98 6.16
C ILE A 235 -0.13 -15.42 6.27
N GLU A 236 -0.39 -15.90 7.51
CA GLU A 236 -1.05 -17.19 7.73
C GLU A 236 -2.51 -16.95 7.29
N LYS A 237 -2.93 -17.60 6.17
CA LYS A 237 -4.24 -17.43 5.50
C LYS A 237 -5.46 -17.32 6.46
N SER A 238 -5.56 -18.25 7.43
CA SER A 238 -6.64 -18.27 8.43
C SER A 238 -6.61 -17.04 9.36
N LYS A 239 -5.48 -16.32 9.40
CA LYS A 239 -5.30 -15.18 10.31
C LYS A 239 -5.37 -13.84 9.58
N SER A 240 -5.69 -13.81 8.27
CA SER A 240 -5.72 -12.54 7.54
C SER A 240 -6.77 -11.59 8.11
N PRO A 241 -6.56 -10.26 8.01
CA PRO A 241 -7.62 -9.31 8.47
C PRO A 241 -9.03 -9.66 7.89
N PRO A 242 -9.28 -9.96 6.57
CA PRO A 242 -10.63 -10.39 6.16
C PRO A 242 -11.10 -11.66 6.87
N ALA A 243 -10.24 -12.70 7.07
CA ALA A 243 -10.73 -13.92 7.73
C ALA A 243 -11.11 -13.66 9.20
N GLU A 244 -10.31 -12.85 9.90
CA GLU A 244 -10.53 -12.58 11.32
C GLU A 244 -11.71 -11.67 11.57
N PHE A 245 -11.84 -10.57 10.80
CA PHE A 245 -13.01 -9.67 10.96
C PHE A 245 -14.30 -10.41 10.62
N MET A 246 -14.28 -11.22 9.54
CA MET A 246 -15.41 -12.05 9.13
C MET A 246 -15.82 -13.00 10.23
N ARG A 247 -14.84 -13.63 10.91
CA ARG A 247 -15.11 -14.51 12.03
C ARG A 247 -15.76 -13.71 13.18
N MET A 248 -15.25 -12.50 13.46
CA MET A 248 -15.79 -11.69 14.55
C MET A 248 -17.20 -11.16 14.30
N ILE A 249 -17.52 -10.79 13.05
CA ILE A 249 -18.87 -10.30 12.76
C ILE A 249 -19.84 -11.45 12.42
N GLY A 250 -19.27 -12.60 12.09
CA GLY A 250 -20.03 -13.79 11.68
C GLY A 250 -19.91 -14.00 10.18
N ASN A 251 -19.55 -15.20 9.77
CA ASN A 251 -19.36 -15.57 8.36
C ASN A 251 -20.65 -15.54 7.52
N ASP A 252 -21.80 -15.46 8.20
CA ASP A 252 -23.11 -15.36 7.55
C ASP A 252 -23.34 -13.95 7.00
N LYS A 253 -22.56 -12.93 7.44
CA LYS A 253 -22.71 -11.56 6.92
C LYS A 253 -22.30 -11.44 5.44
N GLN A 254 -23.11 -10.77 4.62
CA GLN A 254 -22.80 -10.63 3.19
C GLN A 254 -23.05 -9.21 2.66
N GLY A 255 -22.30 -8.83 1.61
CA GLY A 255 -22.42 -7.54 0.93
C GLY A 255 -22.37 -6.38 1.89
N GLN A 256 -23.29 -5.40 1.72
CA GLN A 256 -23.36 -4.19 2.58
C GLN A 256 -23.45 -4.50 4.11
N SER A 257 -24.10 -5.64 4.51
CA SER A 257 -24.23 -6.04 5.93
CA SER A 257 -24.22 -6.04 5.93
C SER A 257 -22.86 -6.20 6.60
N ILE A 258 -21.83 -6.62 5.83
CA ILE A 258 -20.46 -6.75 6.35
C ILE A 258 -19.96 -5.39 6.84
N VAL A 259 -20.16 -4.33 6.03
CA VAL A 259 -19.72 -2.96 6.41
C VAL A 259 -20.47 -2.50 7.69
N THR A 260 -21.78 -2.66 7.72
CA THR A 260 -22.63 -2.29 8.89
C THR A 260 -22.13 -2.97 10.18
N HIS A 261 -21.90 -4.29 10.14
CA HIS A 261 -21.42 -5.03 11.31
C HIS A 261 -19.96 -4.71 11.63
N LEU A 262 -19.11 -4.47 10.63
CA LEU A 262 -17.71 -4.12 10.90
C LEU A 262 -17.64 -2.76 11.67
N ILE A 263 -18.47 -1.79 11.26
CA ILE A 263 -18.55 -0.47 11.91
C ILE A 263 -18.93 -0.66 13.38
N GLU A 264 -20.02 -1.42 13.64
CA GLU A 264 -20.47 -1.67 15.01
C GLU A 264 -19.39 -2.41 15.81
N LEU A 265 -18.73 -3.41 15.21
CA LEU A 265 -17.63 -4.13 15.88
C LEU A 265 -16.53 -3.17 16.35
N LEU A 266 -15.98 -2.35 15.43
CA LEU A 266 -14.89 -1.40 15.71
C LEU A 266 -15.28 -0.36 16.77
N LYS A 267 -16.54 0.10 16.76
CA LYS A 267 -17.11 1.04 17.73
C LYS A 267 -17.11 0.46 19.14
N ASN A 268 -17.32 -0.86 19.25
CA ASN A 268 -17.39 -1.60 20.51
C ASN A 268 -16.02 -2.19 20.91
N ASN A 269 -14.97 -1.69 20.27
CA ASN A 269 -13.59 -2.07 20.51
C ASN A 269 -13.21 -3.49 20.10
N GLY A 270 -13.96 -4.07 19.17
CA GLY A 270 -13.56 -5.32 18.54
C GLY A 270 -12.33 -5.03 17.70
N ARG A 271 -11.27 -5.83 17.81
CA ARG A 271 -10.02 -5.60 17.08
C ARG A 271 -9.43 -6.93 16.67
N LEU A 272 -8.49 -6.89 15.73
CA LEU A 272 -7.71 -8.07 15.34
C LEU A 272 -6.95 -8.55 16.58
N PRO A 273 -6.81 -9.88 16.80
CA PRO A 273 -6.11 -10.33 18.01
C PRO A 273 -4.59 -10.15 17.94
N ARG A 274 -3.91 -10.35 19.06
CA ARG A 274 -2.45 -10.33 19.04
C ARG A 274 -1.97 -11.55 18.22
N PRO A 275 -1.09 -11.36 17.20
CA PRO A 275 -0.58 -12.53 16.44
C PRO A 275 0.25 -13.44 17.36
N ASP A 276 0.18 -14.76 17.12
CA ASP A 276 0.93 -15.74 17.92
C ASP A 276 2.41 -15.39 17.91
N GLY A 277 3.01 -15.30 19.10
CA GLY A 277 4.42 -15.01 19.29
C GLY A 277 4.86 -13.58 19.06
N CYS A 278 3.91 -12.65 18.86
CA CYS A 278 4.18 -11.23 18.63
C CYS A 278 4.69 -10.57 19.92
N PRO A 279 5.83 -9.84 19.86
CA PRO A 279 6.32 -9.16 21.07
C PRO A 279 5.32 -8.11 21.56
N ASP A 280 5.24 -7.99 22.89
CA ASP A 280 4.31 -7.08 23.57
C ASP A 280 4.41 -5.63 23.11
N GLU A 281 5.64 -5.12 22.97
CA GLU A 281 5.93 -3.74 22.53
C GLU A 281 5.38 -3.49 21.12
N ILE A 282 5.35 -4.55 20.28
CA ILE A 282 4.87 -4.42 18.88
C ILE A 282 3.35 -4.41 18.84
N TYR A 283 2.76 -5.31 19.63
CA TYR A 283 1.31 -5.40 19.69
C TYR A 283 0.72 -4.10 20.27
N MET A 284 1.41 -3.47 21.25
CA MET A 284 1.02 -2.18 21.83
C MET A 284 0.97 -1.11 20.73
N ILE A 285 1.93 -1.14 19.80
CA ILE A 285 1.96 -0.19 18.67
C ILE A 285 0.73 -0.39 17.77
N MET A 286 0.38 -1.64 17.42
CA MET A 286 -0.80 -1.95 16.60
C MET A 286 -2.05 -1.36 17.25
N THR A 287 -2.24 -1.67 18.56
CA THR A 287 -3.43 -1.26 19.28
C THR A 287 -3.54 0.26 19.36
N GLU A 288 -2.39 1.00 19.43
CA GLU A 288 -2.41 2.47 19.49
C GLU A 288 -2.81 3.04 18.13
N CYS A 289 -2.41 2.35 17.03
CA CYS A 289 -2.77 2.76 15.67
C CYS A 289 -4.29 2.57 15.50
N TRP A 290 -4.85 1.56 16.18
CA TRP A 290 -6.27 1.25 16.06
C TRP A 290 -7.14 1.98 17.08
N ASN A 291 -6.87 3.27 17.34
CA ASN A 291 -7.68 4.02 18.30
C ASN A 291 -8.90 4.61 17.53
N ASN A 292 -10.11 4.53 18.10
CA ASN A 292 -11.31 5.12 17.47
C ASN A 292 -11.15 6.63 17.40
N ASN A 293 -10.46 7.22 18.40
CA ASN A 293 -10.20 8.65 18.45
C ASN A 293 -9.05 8.99 17.49
N VAL A 294 -9.39 9.61 16.36
CA VAL A 294 -8.45 9.96 15.28
C VAL A 294 -7.21 10.75 15.77
N ASN A 295 -7.41 11.72 16.68
CA ASN A 295 -6.34 12.56 17.23
C ASN A 295 -5.39 11.81 18.14
N GLN A 296 -5.82 10.69 18.72
CA GLN A 296 -5.00 9.90 19.63
C GLN A 296 -4.07 8.93 18.94
N ARG A 297 -4.21 8.72 17.63
CA ARG A 297 -3.35 7.78 16.90
C ARG A 297 -1.93 8.35 16.80
N PRO A 298 -0.88 7.51 16.92
CA PRO A 298 0.48 8.07 16.82
C PRO A 298 0.82 8.66 15.45
N SER A 299 1.85 9.50 15.39
CA SER A 299 2.33 10.04 14.10
C SER A 299 3.31 9.07 13.48
N PHE A 300 3.53 9.14 12.12
CA PHE A 300 4.54 8.30 11.48
C PHE A 300 5.95 8.69 11.91
N ARG A 301 6.19 9.99 12.27
CA ARG A 301 7.49 10.42 12.74
CA ARG A 301 7.49 10.44 12.76
C ARG A 301 7.80 9.67 14.05
N ASP A 302 6.84 9.62 14.99
CA ASP A 302 6.97 8.92 16.27
C ASP A 302 7.07 7.41 16.14
N LEU A 303 6.32 6.83 15.20
CA LEU A 303 6.34 5.40 14.93
C LEU A 303 7.73 4.95 14.49
N ALA A 304 8.36 5.69 13.56
CA ALA A 304 9.70 5.34 13.07
C ALA A 304 10.71 5.44 14.20
N LEU A 305 10.58 6.46 15.06
CA LEU A 305 11.44 6.60 16.22
C LEU A 305 11.27 5.40 17.20
N ARG A 306 10.02 5.01 17.46
CA ARG A 306 9.74 3.93 18.40
C ARG A 306 10.23 2.58 17.90
N VAL A 307 9.99 2.29 16.62
CA VAL A 307 10.41 1.06 15.95
C VAL A 307 11.93 0.97 15.91
N ASP A 308 12.63 2.08 15.56
CA ASP A 308 14.10 2.07 15.54
C ASP A 308 14.69 1.83 16.94
N GLN A 309 14.01 2.33 18.00
CA GLN A 309 14.44 2.10 19.39
C GLN A 309 14.30 0.61 19.73
N ILE A 310 13.15 0.00 19.34
CA ILE A 310 12.87 -1.43 19.56
C ILE A 310 13.93 -2.29 18.86
N ARG A 311 14.26 -1.98 17.58
CA ARG A 311 15.30 -2.66 16.80
C ARG A 311 16.65 -2.54 17.53
N ASP A 312 16.97 -1.32 18.03
CA ASP A 312 18.19 -1.03 18.77
C ASP A 312 18.27 -1.85 20.07
N ASN A 313 17.15 -1.95 20.83
CA ASN A 313 17.11 -2.73 22.06
C ASN A 313 17.29 -4.22 21.74
N MET A 314 16.69 -4.68 20.64
CA MET A 314 16.74 -6.07 20.18
C MET A 314 18.12 -6.50 19.76
N ALA A 315 18.90 -5.58 19.14
CA ALA A 315 20.26 -5.83 18.67
C ALA A 315 21.24 -6.04 19.82
N1 9I8 B . 7.88 -6.35 -9.21
N3 9I8 B . 7.13 -9.78 -8.88
C4 9I8 B . 5.37 -1.43 -9.28
C5 9I8 B . 6.07 -2.67 -9.30
C6 9I8 B . 7.46 -2.87 -9.51
C7 9I8 B . 7.27 -5.10 -9.21
C8 9I8 B . 7.30 -7.62 -9.02
C10 9I8 B . 7.40 -11.21 -8.89
C13 9I8 B . 3.35 -0.03 -8.76
C15 9I8 B . 3.43 2.28 -8.01
C17 9I8 B . 1.54 1.51 -9.28
O1 9I8 B . 1.63 3.76 -8.49
C16 9I8 B . 2.21 2.53 -8.62
C14 9I8 B . 3.99 1.01 -8.08
C18 9I8 B . 2.10 0.24 -9.34
C3 9I8 B . 4.02 -1.36 -8.95
C2 9I8 B . 3.31 -2.54 -8.69
C12 9I8 B . 5.34 -3.86 -9.03
C1 9I8 B . 3.95 -3.77 -8.75
O 9I8 B . 3.30 -4.96 -8.62
C 9I8 B . 1.89 -4.96 -8.44
N4 9I8 B . 5.95 -5.09 -8.99
N 9I8 B . 8.06 -4.04 -9.47
C11 9I8 B . 8.00 -8.78 -9.08
N2 9I8 B . 5.87 -9.33 -8.66
C9 9I8 B . 5.98 -8.02 -8.73
#